data_2J94
#
_entry.id   2J94
#
_cell.length_a   56.739
_cell.length_b   72.563
_cell.length_c   78.924
_cell.angle_alpha   90.00
_cell.angle_beta   90.00
_cell.angle_gamma   90.00
#
_symmetry.space_group_name_H-M   'P 21 21 21'
#
loop_
_entity.id
_entity.type
_entity.pdbx_description
1 polymer 'COAGULATION FACTOR X'
2 polymer 'COAGULATION FACTOR X'
3 non-polymer 5-(5-CHLORO-2-THIENYL)-N-{(3S)-1-[(1S)-1-METHYL-2-MORPHOLIN-4-YL-2-OXOETHYL]-2-OXOPYRROLIDIN-3-YL}-1H-1,2,4-TRIAZOLE-3-SULFONAMIDE
4 non-polymer 'CALCIUM ION'
5 water water
#
loop_
_entity_poly.entity_id
_entity_poly.type
_entity_poly.pdbx_seq_one_letter_code
_entity_poly.pdbx_strand_id
1 'polypeptide(L)'
;IVGGQECKDGECPWQALLINEENEGFCGGTILSEFYILTAAHCLYQAKRFKVRVGDRNTEQEEGGEAVHEVEVVIKHNRF
TKETYDFDIAVLRLKTPITFRMNVAPACLPERDWAESTLMTQKTGIVSGFGRTHEKGRQSTRLKMLEVPYVDRNSCKLSS
SFIITQNMFCAGYDTKQEDACQGDSGGPHVTRFKDTYFVTGIVSWGEGCARKGKYGIYTKVTAFLKWIDRSMKTRGLPKA
KSHAPEVITSSPLK
;
A
2 'polypeptide(L)'
;EEMKKGHLERECMEETCSYEEAREVFEDSDKTNEFWNKYKDGDQCETSPCQNQGKCKDGLGEYTCTCLEGFEGKNCELFT
RKLCSLDNGDCDQFCHEEQNSVVCSCARGYTLADNGKACIPTGPYPCGKQTLER
;
B
#
loop_
_chem_comp.id
_chem_comp.type
_chem_comp.name
_chem_comp.formula
CA non-polymer 'CALCIUM ION' 'Ca 2'
G15 non-polymer 5-(5-CHLORO-2-THIENYL)-N-{(3S)-1-[(1S)-1-METHYL-2-MORPHOLIN-4-YL-2-OXOETHYL]-2-OXOPYRROLIDIN-3-YL}-1H-1,2,4-TRIAZOLE-3-SULFONAMIDE 'C17 H21 Cl N6 O5 S2'
#
# COMPACT_ATOMS: atom_id res chain seq x y z
N ILE A 1 0.95 11.55 -8.08
CA ILE A 1 2.27 11.78 -7.41
C ILE A 1 2.94 13.08 -7.91
N VAL A 2 3.26 13.97 -6.97
CA VAL A 2 3.99 15.20 -7.23
C VAL A 2 5.44 14.82 -6.96
N GLY A 3 6.30 15.03 -7.95
CA GLY A 3 7.71 14.71 -7.84
C GLY A 3 7.90 13.21 -8.06
N GLY A 4 8.91 12.65 -7.39
CA GLY A 4 9.20 11.22 -7.49
C GLY A 4 9.61 10.83 -8.88
N GLN A 5 9.52 9.53 -9.18
CA GLN A 5 9.96 8.98 -10.44
C GLN A 5 8.90 8.03 -11.04
N GLU A 6 9.03 7.75 -12.34
CA GLU A 6 8.18 6.73 -12.94
C GLU A 6 8.53 5.37 -12.37
N CYS A 7 7.53 4.50 -12.19
CA CYS A 7 7.79 3.11 -11.87
C CYS A 7 8.31 2.49 -13.14
N LYS A 8 9.49 1.92 -13.05
CA LYS A 8 10.09 1.27 -14.18
C LYS A 8 9.58 -0.17 -14.22
N ASP A 9 9.96 -0.89 -15.27
CA ASP A 9 9.49 -2.23 -15.53
C ASP A 9 9.62 -3.11 -14.29
N GLY A 10 8.47 -3.57 -13.80
CA GLY A 10 8.44 -4.50 -12.66
C GLY A 10 8.62 -3.92 -11.26
N GLU A 11 8.75 -2.60 -11.14
CA GLU A 11 9.00 -1.97 -9.82
C GLU A 11 7.77 -1.78 -8.89
N CYS A 12 6.57 -1.65 -9.42
CA CYS A 12 5.38 -1.44 -8.56
C CYS A 12 4.31 -2.42 -8.99
N PRO A 13 4.60 -3.75 -8.88
CA PRO A 13 3.71 -4.75 -9.45
C PRO A 13 2.36 -4.95 -8.72
N TRP A 14 2.31 -4.44 -7.49
CA TRP A 14 1.12 -4.53 -6.59
C TRP A 14 0.14 -3.38 -6.81
N GLN A 15 0.48 -2.44 -7.69
CA GLN A 15 -0.44 -1.34 -7.99
C GLN A 15 -1.70 -1.81 -8.74
N ALA A 16 -2.85 -1.37 -8.26
CA ALA A 16 -4.10 -1.55 -8.98
C ALA A 16 -4.67 -0.15 -9.29
N LEU A 17 -5.57 -0.08 -10.26
CA LEU A 17 -6.22 1.16 -10.68
C LEU A 17 -7.72 0.91 -10.76
N LEU A 18 -8.50 1.69 -10.01
CA LEU A 18 -9.94 1.56 -10.07
C LEU A 18 -10.35 2.47 -11.23
N ILE A 19 -11.09 1.92 -12.16
CA ILE A 19 -11.47 2.65 -13.36
C ILE A 19 -13.00 2.72 -13.46
N ASN A 20 -13.50 3.88 -13.84
CA ASN A 20 -14.92 4.06 -14.04
C ASN A 20 -15.39 3.56 -15.42
N GLU A 21 -16.67 3.76 -15.70
CA GLU A 21 -17.32 3.33 -16.95
C GLU A 21 -16.64 3.88 -18.21
N GLU A 22 -16.09 5.08 -18.10
CA GLU A 22 -15.37 5.76 -19.20
C GLU A 22 -13.91 5.28 -19.31
N ASN A 23 -13.57 4.23 -18.54
CA ASN A 23 -12.20 3.68 -18.45
C ASN A 23 -11.15 4.65 -17.91
N GLU A 24 -11.60 5.65 -17.15
CA GLU A 24 -10.74 6.65 -16.54
C GLU A 24 -10.42 6.24 -15.11
N GLY A 25 -9.13 6.24 -14.76
CA GLY A 25 -8.72 5.89 -13.39
C GLY A 25 -9.15 6.96 -12.42
N PHE A 26 -9.71 6.58 -11.27
CA PHE A 26 -10.08 7.62 -10.29
C PHE A 26 -9.46 7.39 -8.91
N CYS A 27 -8.94 6.18 -8.70
CA CYS A 27 -8.35 5.78 -7.41
C CYS A 27 -7.38 4.61 -7.63
N GLY A 28 -6.52 4.37 -6.66
CA GLY A 28 -5.63 3.21 -6.71
C GLY A 28 -6.09 2.12 -5.75
N GLY A 29 -5.31 1.06 -5.67
CA GLY A 29 -5.59 -0.08 -4.80
C GLY A 29 -4.29 -0.86 -4.71
N THR A 30 -4.20 -1.80 -3.79
CA THR A 30 -3.03 -2.67 -3.67
C THR A 30 -3.48 -4.14 -3.85
N ILE A 31 -2.78 -4.87 -4.72
CA ILE A 31 -3.01 -6.29 -4.90
C ILE A 31 -2.55 -7.02 -3.65
N LEU A 32 -3.49 -7.72 -3.00
CA LEU A 32 -3.20 -8.52 -1.82
C LEU A 32 -3.07 -10.03 -2.09
N SER A 33 -3.74 -10.49 -3.14
CA SER A 33 -3.78 -11.93 -3.49
C SER A 33 -4.45 -12.06 -4.85
N GLU A 34 -4.63 -13.28 -5.35
CA GLU A 34 -5.21 -13.41 -6.69
C GLU A 34 -6.66 -12.89 -6.72
N PHE A 35 -7.35 -12.90 -5.58
CA PHE A 35 -8.74 -12.41 -5.55
C PHE A 35 -8.99 -11.10 -4.84
N TYR A 36 -7.99 -10.55 -4.15
CA TYR A 36 -8.27 -9.39 -3.31
C TYR A 36 -7.45 -8.16 -3.51
N ILE A 37 -8.16 -7.04 -3.52
CA ILE A 37 -7.58 -5.73 -3.67
C ILE A 37 -7.85 -4.89 -2.44
N LEU A 38 -6.82 -4.26 -1.88
CA LEU A 38 -7.00 -3.31 -0.78
C LEU A 38 -7.16 -1.91 -1.36
N THR A 39 -8.16 -1.16 -0.87
CA THR A 39 -8.33 0.25 -1.28
C THR A 39 -8.89 1.12 -0.13
N ALA A 40 -9.13 2.40 -0.38
CA ALA A 40 -9.75 3.31 0.59
C ALA A 40 -11.27 3.23 0.45
N ALA A 41 -11.97 3.30 1.57
CA ALA A 41 -13.44 3.31 1.60
C ALA A 41 -14.04 4.54 0.89
N HIS A 42 -13.40 5.71 1.03
CA HIS A 42 -13.93 6.93 0.40
C HIS A 42 -13.89 6.83 -1.13
N CYS A 43 -13.04 5.95 -1.66
CA CYS A 43 -12.98 5.74 -3.10
C CYS A 43 -14.24 5.10 -3.62
N LEU A 44 -14.97 4.39 -2.76
CA LEU A 44 -16.18 3.70 -3.21
C LEU A 44 -17.28 4.68 -3.67
N TYR A 45 -17.34 5.87 -3.06
CA TYR A 45 -18.31 6.91 -3.43
C TYR A 45 -17.84 7.79 -4.60
N GLN A 46 -16.81 7.38 -5.33
CA GLN A 46 -16.27 8.19 -6.44
C GLN A 46 -16.73 7.72 -7.84
N ALA A 47 -17.38 6.56 -7.88
CA ALA A 47 -17.94 6.01 -9.11
C ALA A 47 -19.10 5.10 -8.76
N LYS A 48 -20.06 4.97 -9.68
CA LYS A 48 -21.22 4.12 -9.42
C LYS A 48 -20.84 2.66 -9.63
N ARG A 49 -20.30 2.38 -10.81
CA ARG A 49 -19.82 1.06 -11.16
C ARG A 49 -18.39 1.27 -11.60
N PHE A 50 -17.52 0.36 -11.19
CA PHE A 50 -16.10 0.46 -11.51
C PHE A 50 -15.51 -0.94 -11.58
N LYS A 51 -14.38 -1.05 -12.29
CA LYS A 51 -13.65 -2.30 -12.40
C LYS A 51 -12.24 -2.04 -11.93
N VAL A 52 -11.45 -3.10 -11.85
CA VAL A 52 -10.07 -2.96 -11.40
C VAL A 52 -9.10 -3.33 -12.50
N ARG A 53 -8.17 -2.43 -12.79
CA ARG A 53 -7.10 -2.69 -13.74
C ARG A 53 -5.75 -2.95 -13.04
N VAL A 54 -5.02 -3.94 -13.53
CA VAL A 54 -3.71 -4.32 -13.02
C VAL A 54 -2.74 -4.47 -14.18
N GLY A 55 -1.45 -4.42 -13.86
CA GLY A 55 -0.37 -4.62 -14.82
C GLY A 55 -0.15 -3.46 -15.78
N ASP A 56 -0.80 -2.34 -15.50
CA ASP A 56 -0.73 -1.15 -16.34
C ASP A 56 0.28 -0.12 -15.79
N ARG A 57 1.23 0.32 -16.61
CA ARG A 57 2.14 1.41 -16.23
C ARG A 57 1.96 2.69 -17.04
N ASN A 58 1.37 2.55 -18.23
CA ASN A 58 1.19 3.66 -19.17
C ASN A 58 -0.21 3.52 -19.76
N THR A 59 -1.14 4.31 -19.24
CA THR A 59 -2.54 4.26 -19.67
C THR A 59 -2.79 4.68 -21.13
N GLU A 60 -1.73 5.04 -21.85
CA GLU A 60 -1.88 5.38 -23.27
C GLU A 60 -1.48 4.23 -24.21
N GLN A 61 -0.56 3.41 -23.75
CA GLN A 61 -0.10 2.24 -24.50
C GLN A 61 -0.74 0.94 -23.99
N GLU A 62 -0.57 -0.13 -24.76
CA GLU A 62 -1.03 -1.46 -24.38
C GLU A 62 0.19 -2.36 -24.43
N GLU A 63 0.79 -2.59 -23.26
CA GLU A 63 2.03 -3.38 -23.17
C GLU A 63 1.82 -4.89 -22.87
N GLY A 64 0.67 -5.43 -23.31
CA GLY A 64 0.37 -6.87 -23.17
C GLY A 64 0.00 -7.43 -21.80
N GLY A 65 0.58 -6.87 -20.74
CA GLY A 65 0.35 -7.38 -19.40
C GLY A 65 -0.87 -6.89 -18.63
N GLU A 66 -1.52 -5.82 -19.11
CA GLU A 66 -2.71 -5.26 -18.44
C GLU A 66 -3.90 -6.23 -18.44
N ALA A 67 -4.79 -6.09 -17.44
CA ALA A 67 -5.99 -6.94 -17.34
C ALA A 67 -7.07 -6.28 -16.47
N VAL A 68 -8.27 -6.17 -17.02
CA VAL A 68 -9.42 -5.60 -16.30
C VAL A 68 -10.16 -6.74 -15.57
N HIS A 69 -10.56 -6.46 -14.33
CA HIS A 69 -11.25 -7.40 -13.50
C HIS A 69 -12.49 -6.77 -12.92
N GLU A 70 -13.59 -7.50 -12.99
CA GLU A 70 -14.85 -7.06 -12.40
C GLU A 70 -14.78 -7.33 -10.92
N VAL A 71 -15.48 -6.48 -10.18
CA VAL A 71 -15.55 -6.61 -8.74
C VAL A 71 -16.77 -7.46 -8.40
N GLU A 72 -16.56 -8.51 -7.59
CA GLU A 72 -17.66 -9.37 -7.17
C GLU A 72 -18.26 -8.91 -5.85
N VAL A 73 -17.42 -8.70 -4.85
CA VAL A 73 -17.85 -8.28 -3.53
C VAL A 73 -17.09 -7.04 -3.08
N VAL A 74 -17.82 -6.02 -2.61
CA VAL A 74 -17.21 -4.82 -2.06
C VAL A 74 -17.36 -4.92 -0.56
N ILE A 75 -16.24 -4.86 0.18
CA ILE A 75 -16.29 -4.97 1.64
C ILE A 75 -15.69 -3.69 2.23
N LYS A 76 -16.57 -2.78 2.63
CA LYS A 76 -16.20 -1.49 3.18
C LYS A 76 -16.19 -1.56 4.70
N HIS A 77 -15.25 -0.89 5.37
CA HIS A 77 -15.24 -0.95 6.85
C HIS A 77 -16.53 -0.28 7.32
N ASN A 78 -17.26 -0.95 8.23
CA ASN A 78 -18.56 -0.44 8.72
C ASN A 78 -18.48 0.86 9.50
N ARG A 79 -17.26 1.22 9.92
CA ARG A 79 -17.05 2.44 10.70
C ARG A 79 -16.54 3.60 9.89
N PHE A 80 -16.38 3.43 8.58
CA PHE A 80 -15.96 4.55 7.75
C PHE A 80 -16.89 5.78 7.90
N THR A 81 -16.31 6.98 8.06
CA THR A 81 -17.04 8.25 8.13
C THR A 81 -16.45 9.33 7.21
N LYS A 82 -17.30 9.89 6.35
CA LYS A 82 -16.87 10.94 5.42
C LYS A 82 -16.43 12.20 6.15
N GLU A 83 -16.83 12.32 7.42
CA GLU A 83 -16.57 13.53 8.20
C GLU A 83 -15.11 13.74 8.51
N THR A 84 -14.44 12.65 8.89
CA THR A 84 -13.03 12.71 9.24
C THR A 84 -12.15 11.75 8.42
N TYR A 85 -12.79 10.91 7.59
CA TYR A 85 -12.12 9.80 6.86
C TYR A 85 -11.48 8.80 7.83
N ASP A 86 -12.04 8.65 9.02
CA ASP A 86 -11.57 7.62 9.96
C ASP A 86 -12.08 6.27 9.40
N PHE A 87 -11.30 5.20 9.61
CA PHE A 87 -11.62 3.88 9.06
C PHE A 87 -11.69 3.87 7.52
N ASP A 88 -10.76 4.57 6.87
CA ASP A 88 -10.80 4.70 5.42
C ASP A 88 -10.13 3.46 4.81
N ILE A 89 -10.89 2.36 4.75
CA ILE A 89 -10.39 1.08 4.26
C ILE A 89 -11.49 0.23 3.72
N ALA A 90 -11.17 -0.45 2.61
CA ALA A 90 -12.07 -1.38 1.99
C ALA A 90 -11.24 -2.45 1.30
N VAL A 91 -11.86 -3.62 1.12
CA VAL A 91 -11.27 -4.75 0.46
C VAL A 91 -12.27 -5.14 -0.64
N LEU A 92 -11.75 -5.46 -1.82
CA LEU A 92 -12.52 -5.89 -2.98
C LEU A 92 -12.22 -7.33 -3.35
N ARG A 93 -13.27 -8.14 -3.51
CA ARG A 93 -13.11 -9.51 -4.02
C ARG A 93 -13.48 -9.46 -5.48
N LEU A 94 -12.57 -9.96 -6.33
CA LEU A 94 -12.78 -9.93 -7.75
C LEU A 94 -13.60 -11.16 -8.18
N LYS A 95 -14.24 -11.07 -9.34
CA LYS A 95 -14.97 -12.22 -9.88
C LYS A 95 -14.02 -13.30 -10.43
N THR A 96 -12.91 -12.88 -11.04
CA THR A 96 -11.95 -13.82 -11.64
C THR A 96 -10.57 -13.54 -11.02
N PRO A 97 -9.75 -14.59 -10.82
CA PRO A 97 -8.45 -14.36 -10.17
C PRO A 97 -7.40 -13.67 -11.06
N ILE A 98 -6.60 -12.85 -10.39
CA ILE A 98 -5.49 -12.16 -11.05
C ILE A 98 -4.40 -13.18 -11.41
N THR A 99 -3.84 -13.04 -12.59
CA THR A 99 -2.71 -13.84 -13.02
C THR A 99 -1.45 -13.05 -12.79
N PHE A 100 -0.59 -13.55 -11.90
CA PHE A 100 0.63 -12.86 -11.63
C PHE A 100 1.58 -13.04 -12.80
N ARG A 101 2.34 -11.98 -13.10
CA ARG A 101 3.26 -11.90 -14.20
C ARG A 101 4.08 -10.64 -13.95
N MET A 102 4.95 -10.32 -14.91
CA MET A 102 5.73 -9.08 -14.82
C MET A 102 4.73 -7.94 -14.62
N ASN A 103 5.01 -7.05 -13.68
CA ASN A 103 4.13 -5.94 -13.35
C ASN A 103 2.84 -6.32 -12.62
N VAL A 104 2.63 -7.61 -12.34
CA VAL A 104 1.43 -8.02 -11.61
C VAL A 104 1.76 -9.02 -10.51
N ALA A 105 1.80 -8.55 -9.28
CA ALA A 105 2.19 -9.38 -8.14
C ALA A 105 1.70 -8.73 -6.87
N PRO A 106 1.42 -9.55 -5.85
CA PRO A 106 0.90 -8.98 -4.61
C PRO A 106 1.98 -8.36 -3.72
N ALA A 107 1.58 -7.39 -2.88
CA ALA A 107 2.48 -6.88 -1.86
C ALA A 107 2.25 -7.78 -0.63
N CYS A 108 3.23 -7.90 0.26
CA CYS A 108 3.03 -8.75 1.46
C CYS A 108 2.30 -8.04 2.57
N LEU A 109 1.46 -8.78 3.26
CA LEU A 109 0.80 -8.25 4.48
C LEU A 109 1.71 -8.60 5.67
N PRO A 110 2.05 -7.61 6.49
CA PRO A 110 2.93 -7.98 7.59
C PRO A 110 2.15 -8.40 8.86
N GLU A 111 2.85 -8.82 9.90
CA GLU A 111 2.22 -9.06 11.20
C GLU A 111 2.27 -7.70 11.89
N ARG A 112 1.23 -7.41 12.66
CA ARG A 112 1.08 -6.12 13.35
C ARG A 112 2.27 -5.65 14.20
N ASP A 113 2.63 -6.39 15.25
CA ASP A 113 3.72 -5.91 16.13
C ASP A 113 5.02 -5.73 15.42
N TRP A 114 5.40 -6.71 14.61
CA TRP A 114 6.64 -6.58 13.86
C TRP A 114 6.57 -5.39 12.90
N ALA A 115 5.45 -5.22 12.22
CA ALA A 115 5.27 -4.07 11.32
C ALA A 115 5.46 -2.73 12.06
N GLU A 116 4.82 -2.58 13.21
CA GLU A 116 4.91 -1.35 14.01
C GLU A 116 6.32 -1.07 14.54
N SER A 117 7.02 -2.09 15.04
CA SER A 117 8.38 -1.84 15.55
C SER A 117 9.44 -1.85 14.48
N THR A 118 9.17 -2.55 13.39
CA THR A 118 10.23 -2.72 12.37
C THR A 118 10.02 -1.95 11.05
N LEU A 119 8.80 -1.92 10.53
CA LEU A 119 8.54 -1.24 9.26
C LEU A 119 8.27 0.26 9.45
N MET A 120 7.40 0.56 10.40
CA MET A 120 7.02 1.95 10.62
C MET A 120 8.00 2.81 11.34
N THR A 121 9.13 2.21 11.72
CA THR A 121 10.25 2.88 12.35
C THR A 121 11.40 3.02 11.37
N GLN A 122 11.18 2.58 10.12
CA GLN A 122 12.18 2.78 9.08
C GLN A 122 12.10 4.26 8.74
N LYS A 123 13.08 4.76 7.97
CA LYS A 123 13.10 6.17 7.62
C LYS A 123 11.96 6.50 6.66
N THR A 124 11.77 5.62 5.67
CA THR A 124 10.77 5.90 4.64
C THR A 124 9.92 4.73 4.20
N GLY A 125 8.86 5.08 3.48
CA GLY A 125 7.99 4.12 2.79
C GLY A 125 7.88 4.59 1.34
N ILE A 126 7.13 3.86 0.52
CA ILE A 126 6.96 4.21 -0.90
C ILE A 126 5.47 4.28 -1.21
N VAL A 127 5.06 5.38 -1.80
CA VAL A 127 3.69 5.53 -2.23
C VAL A 127 3.72 5.58 -3.74
N SER A 128 2.67 5.10 -4.39
CA SER A 128 2.68 5.16 -5.81
C SER A 128 1.26 5.35 -6.35
N GLY A 129 1.16 5.75 -7.63
CA GLY A 129 -0.15 5.93 -8.28
C GLY A 129 -0.16 6.72 -9.59
N PHE A 130 -1.36 6.79 -10.18
CA PHE A 130 -1.63 7.54 -11.42
C PHE A 130 -2.32 8.89 -11.13
N GLY A 131 -2.23 9.36 -9.90
CA GLY A 131 -2.85 10.64 -9.53
C GLY A 131 -2.19 11.84 -10.18
N ARG A 132 -2.69 13.03 -9.86
CA ARG A 132 -2.16 14.27 -10.39
C ARG A 132 -0.67 14.51 -10.09
N THR A 133 0.02 15.13 -11.04
CA THR A 133 1.45 15.44 -10.92
C THR A 133 1.68 16.83 -10.31
N HIS A 134 0.57 17.55 -10.10
CA HIS A 134 0.57 18.88 -9.48
C HIS A 134 -0.78 19.07 -8.88
N GLU A 135 -0.88 19.80 -7.78
CA GLU A 135 -2.19 20.06 -7.18
C GLU A 135 -3.30 20.44 -8.19
N LYS A 136 -2.99 21.36 -9.11
CA LYS A 136 -4.01 21.82 -10.10
C LYS A 136 -4.05 21.08 -11.46
N GLY A 137 -3.20 20.07 -11.64
CA GLY A 137 -3.11 19.36 -12.93
C GLY A 137 -4.10 18.23 -13.24
N ARG A 138 -3.73 17.43 -14.22
CA ARG A 138 -4.49 16.27 -14.64
C ARG A 138 -3.77 14.97 -14.17
N GLN A 139 -4.52 13.86 -14.10
CA GLN A 139 -3.98 12.56 -13.73
C GLN A 139 -2.74 12.26 -14.59
N SER A 140 -1.82 11.49 -14.03
CA SER A 140 -0.65 11.05 -14.76
C SER A 140 -1.05 9.92 -15.69
N THR A 141 -0.45 9.85 -16.87
CA THR A 141 -0.74 8.72 -17.75
C THR A 141 0.31 7.63 -17.47
N ARG A 142 1.29 7.97 -16.65
CA ARG A 142 2.36 7.08 -16.26
C ARG A 142 2.28 6.76 -14.79
N LEU A 143 2.41 5.49 -14.43
CA LEU A 143 2.46 5.12 -13.03
C LEU A 143 3.70 5.71 -12.40
N LYS A 144 3.52 6.44 -11.29
CA LYS A 144 4.66 6.99 -10.56
C LYS A 144 4.82 6.42 -9.14
N MET A 145 6.03 6.59 -8.57
CA MET A 145 6.33 6.18 -7.20
C MET A 145 7.16 7.29 -6.55
N LEU A 146 7.19 7.32 -5.22
CA LEU A 146 7.88 8.33 -4.46
C LEU A 146 8.18 7.82 -3.07
N GLU A 147 9.43 7.96 -2.65
CA GLU A 147 9.86 7.60 -1.30
C GLU A 147 9.38 8.74 -0.40
N VAL A 148 8.66 8.42 0.68
CA VAL A 148 8.14 9.44 1.60
C VAL A 148 8.57 9.10 3.00
N PRO A 149 9.28 10.04 3.66
CA PRO A 149 9.69 9.76 5.04
C PRO A 149 8.49 9.62 5.96
N TYR A 150 8.57 8.73 6.94
CA TYR A 150 7.55 8.66 7.99
C TYR A 150 7.65 9.96 8.78
N VAL A 151 6.50 10.52 9.16
CA VAL A 151 6.47 11.75 9.93
C VAL A 151 6.04 11.55 11.41
N ASP A 152 6.90 12.06 12.30
CA ASP A 152 6.63 12.11 13.74
C ASP A 152 5.16 12.40 13.97
N ARG A 153 4.56 11.58 14.80
CA ARG A 153 3.15 11.67 15.06
C ARG A 153 2.71 13.03 15.66
N ASN A 154 3.49 13.54 16.63
CA ASN A 154 3.19 14.86 17.20
C ASN A 154 3.23 15.97 16.14
N SER A 155 4.33 15.99 15.37
CA SER A 155 4.52 16.96 14.29
C SER A 155 3.34 16.94 13.35
N CYS A 156 2.85 15.75 13.05
CA CYS A 156 1.74 15.65 12.13
C CYS A 156 0.45 16.28 12.65
N LYS A 157 0.04 15.95 13.88
CA LYS A 157 -1.18 16.53 14.47
C LYS A 157 -1.08 18.04 14.51
N LEU A 158 0.11 18.55 14.84
CA LEU A 158 0.31 19.99 14.92
C LEU A 158 0.13 20.68 13.58
N SER A 159 0.50 20.00 12.50
CA SER A 159 0.43 20.56 11.15
C SER A 159 -0.98 20.58 10.54
N SER A 160 -1.84 19.70 11.04
CA SER A 160 -3.13 19.45 10.44
C SER A 160 -4.29 20.29 10.99
N SER A 161 -5.18 20.71 10.09
CA SER A 161 -6.39 21.46 10.41
C SER A 161 -7.49 20.44 10.67
N PHE A 162 -7.21 19.17 10.41
CA PHE A 162 -8.22 18.12 10.59
C PHE A 162 -7.67 17.09 11.55
N ILE A 163 -8.57 16.40 12.25
CA ILE A 163 -8.14 15.43 13.26
C ILE A 163 -7.39 14.23 12.63
N ILE A 164 -6.25 13.89 13.21
CA ILE A 164 -5.49 12.70 12.83
C ILE A 164 -5.80 11.63 13.90
N THR A 165 -6.61 10.65 13.55
CA THR A 165 -6.95 9.58 14.47
C THR A 165 -5.82 8.54 14.55
N GLN A 166 -5.97 7.58 15.45
CA GLN A 166 -4.98 6.49 15.58
C GLN A 166 -5.04 5.49 14.44
N ASN A 167 -6.02 5.63 13.58
CA ASN A 167 -6.14 4.79 12.39
C ASN A 167 -5.46 5.43 11.19
N MET A 168 -4.68 6.47 11.45
CA MET A 168 -3.98 7.23 10.43
C MET A 168 -2.50 7.44 10.81
N PHE A 169 -1.65 7.67 9.81
CA PHE A 169 -0.27 8.12 10.04
C PHE A 169 0.07 9.14 8.95
N CYS A 170 1.18 9.82 9.10
CA CYS A 170 1.54 10.86 8.15
C CYS A 170 2.86 10.56 7.54
N ALA A 171 2.97 10.90 6.26
CA ALA A 171 4.22 10.70 5.53
C ALA A 171 4.36 11.81 4.50
N GLY A 172 5.58 12.15 4.18
CA GLY A 172 5.77 13.20 3.21
C GLY A 172 6.87 14.14 3.65
N TYR A 173 6.75 15.38 3.21
CA TYR A 173 7.76 16.40 3.44
C TYR A 173 7.10 17.69 3.87
N ASP A 174 7.83 18.41 4.71
CA ASP A 174 7.34 19.67 5.23
C ASP A 174 7.24 20.67 4.06
N THR A 175 8.38 20.98 3.46
CA THR A 175 8.44 21.97 2.39
C THR A 175 8.74 21.41 0.98
N LYS A 176 9.60 20.40 0.87
CA LYS A 176 9.92 19.82 -0.45
C LYS A 176 8.67 19.53 -1.30
N GLN A 177 8.76 19.75 -2.61
CA GLN A 177 7.60 19.56 -3.52
C GLN A 177 7.32 18.09 -3.98
N GLU A 178 7.14 17.20 -3.02
CA GLU A 178 6.88 15.80 -3.33
C GLU A 178 5.82 15.29 -2.37
N ASP A 179 4.82 14.61 -2.93
CA ASP A 179 3.69 14.15 -2.14
C ASP A 179 2.75 13.30 -3.03
N ALA A 180 1.91 12.50 -2.39
CA ALA A 180 0.84 11.84 -3.11
C ALA A 180 -0.12 13.00 -3.44
N CYS A 181 -1.14 12.75 -4.26
CA CYS A 181 -2.06 13.80 -4.64
C CYS A 181 -3.41 13.19 -5.07
N GLN A 182 -4.32 14.02 -5.54
CA GLN A 182 -5.66 13.55 -5.96
C GLN A 182 -5.55 12.47 -7.04
N GLY A 183 -6.35 11.40 -6.93
CA GLY A 183 -6.29 10.29 -7.88
C GLY A 183 -5.40 9.15 -7.39
N ASP A 184 -4.49 9.46 -6.48
CA ASP A 184 -3.61 8.46 -5.86
C ASP A 184 -4.32 7.72 -4.73
N SER A 185 -5.45 8.29 -4.28
CA SER A 185 -6.25 7.75 -3.18
C SER A 185 -6.56 6.28 -3.36
N GLY A 186 -6.48 5.54 -2.25
CA GLY A 186 -6.74 4.13 -2.22
C GLY A 186 -5.52 3.29 -2.54
N GLY A 187 -4.49 3.93 -3.11
CA GLY A 187 -3.27 3.25 -3.58
C GLY A 187 -2.28 2.80 -2.51
N PRO A 188 -1.20 2.12 -2.95
CA PRO A 188 -0.27 1.59 -1.95
C PRO A 188 0.68 2.53 -1.26
N HIS A 189 0.83 2.31 0.06
CA HIS A 189 1.97 2.79 0.81
C HIS A 189 2.61 1.47 1.26
N VAL A 190 3.84 1.24 0.80
CA VAL A 190 4.58 0.01 1.13
C VAL A 190 5.93 0.36 1.76
N THR A 191 6.43 -0.55 2.59
CA THR A 191 7.69 -0.34 3.25
C THR A 191 8.57 -1.53 2.90
N ARG A 192 9.78 -1.20 2.46
CA ARG A 192 10.74 -2.19 2.06
C ARG A 192 11.54 -2.67 3.25
N PHE A 193 11.68 -3.99 3.35
CA PHE A 193 12.56 -4.59 4.37
C PHE A 193 13.33 -5.72 3.72
N LYS A 194 14.67 -5.61 3.71
CA LYS A 194 15.50 -6.63 3.01
C LYS A 194 14.91 -7.03 1.64
N ASP A 195 14.73 -6.06 0.75
CA ASP A 195 14.17 -6.36 -0.59
C ASP A 195 12.77 -7.02 -0.66
N THR A 196 12.02 -6.99 0.44
CA THR A 196 10.63 -7.40 0.43
C THR A 196 9.82 -6.17 0.81
N TYR A 197 8.76 -5.94 0.03
CA TYR A 197 7.86 -4.81 0.15
C TYR A 197 6.58 -5.24 0.87
N PHE A 198 6.31 -4.60 2.02
CA PHE A 198 5.14 -4.88 2.86
C PHE A 198 4.11 -3.75 2.84
N VAL A 199 2.82 -4.08 2.76
CA VAL A 199 1.77 -3.05 2.82
C VAL A 199 1.76 -2.39 4.19
N THR A 200 1.95 -1.07 4.25
CA THR A 200 1.91 -0.35 5.50
C THR A 200 0.86 0.77 5.54
N GLY A 201 0.35 1.17 4.39
CA GLY A 201 -0.61 2.27 4.32
C GLY A 201 -1.46 2.24 3.06
N ILE A 202 -2.54 3.03 3.08
CA ILE A 202 -3.44 3.23 1.98
C ILE A 202 -3.50 4.77 1.83
N VAL A 203 -3.30 5.31 0.64
CA VAL A 203 -3.39 6.77 0.43
C VAL A 203 -4.83 7.22 0.82
N SER A 204 -4.94 8.16 1.76
CA SER A 204 -6.26 8.51 2.29
C SER A 204 -6.65 9.95 2.01
N TRP A 205 -5.88 10.89 2.55
CA TRP A 205 -6.21 12.30 2.32
C TRP A 205 -5.04 13.29 2.53
N GLY A 206 -5.28 14.56 2.21
CA GLY A 206 -4.30 15.61 2.40
C GLY A 206 -4.94 16.95 2.15
N GLU A 207 -4.39 18.01 2.75
CA GLU A 207 -4.85 19.40 2.46
C GLU A 207 -4.07 19.86 1.21
N GLY A 208 -4.67 19.69 0.04
CA GLY A 208 -3.91 19.92 -1.21
C GLY A 208 -2.81 18.88 -1.47
N CYS A 209 -1.83 19.24 -2.28
CA CYS A 209 -0.74 18.32 -2.62
C CYS A 209 0.60 19.01 -2.46
N ALA A 210 1.44 18.46 -1.60
CA ALA A 210 2.80 18.95 -1.37
C ALA A 210 2.91 20.39 -0.82
N ARG A 211 1.87 20.85 -0.11
CA ARG A 211 1.92 22.17 0.51
C ARG A 211 2.98 22.28 1.60
N LYS A 212 3.39 23.53 1.86
CA LYS A 212 4.38 23.77 2.89
C LYS A 212 3.68 23.56 4.22
N GLY A 213 4.36 22.88 5.14
CA GLY A 213 3.83 22.57 6.47
C GLY A 213 2.73 21.53 6.49
N LYS A 214 2.45 20.90 5.34
CA LYS A 214 1.41 19.85 5.22
C LYS A 214 1.99 18.49 4.78
N TYR A 215 1.42 17.40 5.29
CA TYR A 215 1.89 16.06 4.95
C TYR A 215 0.78 15.21 4.32
N GLY A 216 1.14 14.02 3.82
CA GLY A 216 0.12 13.11 3.29
C GLY A 216 -0.49 12.30 4.44
N ILE A 217 -1.79 12.03 4.38
CA ILE A 217 -2.41 11.23 5.42
C ILE A 217 -2.80 9.85 4.86
N TYR A 218 -2.35 8.81 5.55
CA TYR A 218 -2.49 7.41 5.11
C TYR A 218 -3.25 6.60 6.14
N THR A 219 -4.06 5.64 5.68
CA THR A 219 -4.73 4.72 6.60
C THR A 219 -3.64 3.84 7.20
N LYS A 220 -3.71 3.61 8.50
CA LYS A 220 -2.70 2.80 9.17
C LYS A 220 -3.09 1.32 9.01
N VAL A 221 -2.48 0.66 8.04
CA VAL A 221 -2.84 -0.73 7.75
C VAL A 221 -2.63 -1.64 8.96
N THR A 222 -1.62 -1.36 9.80
CA THR A 222 -1.39 -2.20 10.97
C THR A 222 -2.58 -2.23 11.92
N ALA A 223 -3.41 -1.19 11.93
CA ALA A 223 -4.62 -1.14 12.75
C ALA A 223 -5.77 -2.08 12.26
N PHE A 224 -5.68 -2.56 11.02
CA PHE A 224 -6.74 -3.34 10.35
C PHE A 224 -6.32 -4.70 9.83
N LEU A 225 -5.18 -5.19 10.31
CA LEU A 225 -4.68 -6.47 9.82
C LEU A 225 -5.60 -7.66 10.08
N LYS A 226 -6.21 -7.75 11.28
CA LYS A 226 -7.18 -8.80 11.61
C LYS A 226 -8.43 -8.62 10.75
N TRP A 227 -8.88 -7.37 10.62
CA TRP A 227 -10.02 -7.01 9.81
C TRP A 227 -9.77 -7.46 8.34
N ILE A 228 -8.59 -7.13 7.80
CA ILE A 228 -8.27 -7.55 6.41
C ILE A 228 -8.34 -9.08 6.27
N ASP A 229 -7.73 -9.75 7.23
CA ASP A 229 -7.64 -11.19 7.34
C ASP A 229 -9.03 -11.81 7.28
N ARG A 230 -9.92 -11.34 8.18
CA ARG A 230 -11.32 -11.73 8.19
C ARG A 230 -12.01 -11.47 6.86
N SER A 231 -11.83 -10.28 6.32
CA SER A 231 -12.45 -9.92 5.06
C SER A 231 -12.07 -10.82 3.87
N MET A 232 -10.85 -11.38 3.91
CA MET A 232 -10.35 -12.24 2.84
C MET A 232 -10.74 -13.71 3.05
N LYS A 233 -11.18 -14.05 4.27
CA LYS A 233 -11.56 -15.42 4.60
C LYS A 233 -12.93 -15.77 4.05
N THR A 234 -13.71 -14.74 3.69
CA THR A 234 -15.03 -14.88 3.08
C THR A 234 -15.45 -13.56 2.42
N ARG B 81 20.70 -3.44 22.77
CA ARG B 81 19.86 -4.13 21.72
C ARG B 81 20.09 -5.65 21.70
N LYS B 82 19.12 -6.41 22.16
CA LYS B 82 19.18 -7.88 22.15
C LYS B 82 18.11 -8.47 21.22
N LEU B 83 18.18 -9.79 21.01
CA LEU B 83 17.19 -10.55 20.27
C LEU B 83 16.64 -9.84 19.01
N CYS B 84 15.32 -9.70 18.90
CA CYS B 84 14.71 -9.06 17.72
C CYS B 84 15.17 -7.62 17.50
N SER B 85 15.67 -6.95 18.54
CA SER B 85 16.14 -5.57 18.39
C SER B 85 17.53 -5.51 17.80
N LEU B 86 18.22 -6.66 17.78
CA LEU B 86 19.55 -6.70 17.20
C LEU B 86 19.47 -7.18 15.75
N ASP B 87 19.47 -6.24 14.82
CA ASP B 87 19.39 -6.61 13.40
C ASP B 87 18.24 -7.60 13.09
N ASN B 88 17.06 -7.35 13.66
CA ASN B 88 15.86 -8.18 13.38
C ASN B 88 16.07 -9.66 13.72
N GLY B 89 16.90 -9.95 14.73
CA GLY B 89 17.20 -11.33 15.18
C GLY B 89 17.82 -12.21 14.09
N ASP B 90 18.48 -11.57 13.13
CA ASP B 90 19.01 -12.28 11.93
C ASP B 90 17.88 -12.88 11.08
N CYS B 91 16.62 -12.52 11.33
CA CYS B 91 15.51 -13.06 10.53
C CYS B 91 15.36 -12.33 9.19
N ASP B 92 14.96 -13.02 8.12
CA ASP B 92 14.59 -12.34 6.89
C ASP B 92 13.31 -11.48 6.99
N GLN B 93 12.31 -11.98 7.68
CA GLN B 93 11.03 -11.26 7.75
C GLN B 93 10.62 -11.06 9.21
N PHE B 94 9.53 -11.69 9.64
CA PHE B 94 9.04 -11.46 11.00
C PHE B 94 9.95 -12.07 12.06
N CYS B 95 10.03 -11.35 13.17
CA CYS B 95 10.81 -11.73 14.33
C CYS B 95 9.93 -11.57 15.56
N HIS B 96 10.00 -12.56 16.45
CA HIS B 96 9.28 -12.60 17.72
C HIS B 96 10.21 -13.14 18.78
N GLU B 97 10.15 -12.56 19.98
CA GLU B 97 10.94 -13.01 21.11
C GLU B 97 10.03 -13.92 21.90
N GLU B 98 10.51 -15.13 22.15
CA GLU B 98 9.75 -16.16 22.84
C GLU B 98 10.67 -16.89 23.80
N GLN B 99 10.29 -16.89 25.07
CA GLN B 99 11.06 -17.52 26.15
C GLN B 99 12.53 -17.10 26.09
N ASN B 100 12.75 -15.80 25.89
CA ASN B 100 14.09 -15.19 25.78
C ASN B 100 14.92 -15.59 24.54
N SER B 101 14.26 -16.14 23.51
CA SER B 101 14.96 -16.45 22.25
C SER B 101 14.20 -15.94 21.02
N VAL B 102 14.94 -15.71 19.94
CA VAL B 102 14.38 -15.23 18.69
C VAL B 102 13.63 -16.34 17.98
N VAL B 103 12.46 -16.02 17.45
CA VAL B 103 11.73 -16.97 16.62
C VAL B 103 11.35 -16.21 15.33
N CYS B 104 11.81 -16.74 14.19
CA CYS B 104 11.51 -16.11 12.91
C CYS B 104 10.30 -16.75 12.26
N SER B 105 9.56 -15.96 11.50
CA SER B 105 8.48 -16.51 10.67
C SER B 105 8.40 -15.73 9.35
N CYS B 106 7.55 -16.18 8.45
CA CYS B 106 7.49 -15.57 7.12
C CYS B 106 6.06 -15.33 6.67
N ALA B 107 5.91 -14.40 5.74
CA ALA B 107 4.63 -14.10 5.12
C ALA B 107 4.06 -15.31 4.36
N ARG B 108 2.75 -15.30 4.12
CA ARG B 108 2.10 -16.34 3.30
C ARG B 108 2.79 -16.47 1.94
N GLY B 109 2.99 -17.70 1.50
CA GLY B 109 3.67 -17.94 0.25
C GLY B 109 5.19 -18.04 0.40
N TYR B 110 5.69 -17.95 1.63
CA TYR B 110 7.11 -18.22 1.90
C TYR B 110 7.20 -19.35 2.90
N THR B 111 8.29 -20.13 2.84
CA THR B 111 8.51 -21.13 3.90
C THR B 111 9.81 -20.80 4.59
N LEU B 112 9.83 -20.97 5.90
CA LEU B 112 11.02 -20.74 6.70
C LEU B 112 12.06 -21.80 6.36
N ALA B 113 13.27 -21.37 6.05
CA ALA B 113 14.37 -22.28 5.70
C ALA B 113 14.83 -23.11 6.90
N ASP B 114 15.70 -24.08 6.63
CA ASP B 114 16.29 -24.98 7.61
C ASP B 114 17.05 -24.27 8.72
N ASN B 115 17.70 -23.16 8.39
CA ASN B 115 18.39 -22.39 9.40
C ASN B 115 17.40 -21.66 10.31
N GLY B 116 16.11 -21.72 10.00
CA GLY B 116 15.07 -21.06 10.81
C GLY B 116 15.16 -19.54 10.82
N LYS B 117 15.72 -18.99 9.74
CA LYS B 117 15.90 -17.55 9.62
C LYS B 117 15.52 -16.99 8.22
N ALA B 118 15.89 -17.70 7.15
CA ALA B 118 15.64 -17.23 5.79
C ALA B 118 14.24 -17.64 5.39
N CYS B 119 13.66 -16.91 4.45
CA CYS B 119 12.33 -17.14 3.94
C CYS B 119 12.42 -17.48 2.48
N ILE B 120 11.91 -18.64 2.10
CA ILE B 120 12.01 -19.18 0.74
C ILE B 120 10.63 -19.13 0.07
N PRO B 121 10.54 -18.49 -1.10
CA PRO B 121 9.24 -18.45 -1.78
C PRO B 121 8.77 -19.86 -2.15
N THR B 122 7.49 -20.15 -1.93
CA THR B 122 6.94 -21.47 -2.25
C THR B 122 6.67 -21.63 -3.76
N GLY B 123 6.55 -20.52 -4.47
CA GLY B 123 6.22 -20.59 -5.88
C GLY B 123 6.60 -19.34 -6.62
N PRO B 124 6.05 -19.16 -7.84
CA PRO B 124 6.41 -17.94 -8.55
C PRO B 124 5.52 -16.78 -8.07
N TYR B 125 6.05 -15.58 -8.27
CA TYR B 125 5.43 -14.33 -7.92
C TYR B 125 5.13 -14.27 -6.41
N PRO B 126 6.17 -14.44 -5.57
CA PRO B 126 5.91 -14.35 -4.13
C PRO B 126 5.53 -12.90 -3.80
N CYS B 127 4.73 -12.71 -2.75
CA CYS B 127 4.33 -11.37 -2.34
C CYS B 127 5.54 -10.52 -1.99
N GLY B 128 5.43 -9.24 -2.25
CA GLY B 128 6.51 -8.33 -1.85
C GLY B 128 7.73 -8.23 -2.72
N LYS B 129 7.79 -8.96 -3.81
CA LYS B 129 8.96 -8.96 -4.70
C LYS B 129 8.71 -8.25 -6.01
N GLN B 130 9.58 -7.33 -6.35
CA GLN B 130 9.44 -6.64 -7.63
C GLN B 130 9.67 -7.68 -8.71
N THR B 131 8.96 -7.57 -9.83
CA THR B 131 9.08 -8.54 -10.92
C THR B 131 10.17 -8.05 -11.88
N LEU B 132 11.38 -8.54 -11.73
CA LEU B 132 12.50 -8.08 -12.56
C LEU B 132 13.17 -9.27 -13.26
O26 G15 C . -11.89 16.37 2.52
C23 G15 C . -10.97 16.28 3.32
N25 G15 C . -11.21 15.87 4.61
C27 G15 C . -12.61 15.68 5.02
C29 G15 C . -12.77 14.32 5.69
O31 G15 C . -11.83 14.23 6.75
C30 G15 C . -10.48 14.23 6.27
C28 G15 C . -10.20 15.59 5.64
C22 G15 C . -9.54 16.57 2.85
C24 G15 C . -8.95 17.81 3.54
N19 G15 C . -9.42 16.69 1.39
C21 G15 C . -9.71 17.84 0.57
C18 G15 C . -10.06 17.18 -0.77
C17 G15 C . -8.98 15.64 0.67
O20 G15 C . -8.64 14.62 1.20
C16 G15 C . -9.04 16.02 -0.80
N13 G15 C . -9.31 15.02 -1.83
S11 G15 C . -8.26 14.93 -3.08
O14 G15 C . -8.42 16.12 -3.87
O15 G15 C . -8.49 13.63 -3.63
C7 G15 C . -6.64 14.97 -2.50
N2 G15 C . -5.94 16.08 -2.47
N3 G15 C . -4.72 15.84 -1.94
N1 G15 C . -5.99 13.94 -1.93
C1 G15 C . -4.75 14.48 -1.62
C2 G15 C . -3.65 13.73 -0.94
C5 G15 C . -2.40 14.32 -0.77
C9 G15 C . -1.53 13.42 -0.09
C10 G15 C . -2.21 12.22 0.19
S6 G15 C . -3.83 12.15 -0.33
CL G15 C . -1.51 10.90 1.05
CA CA D . -0.85 0.37 -20.74
#